data_6CCK
#
_entry.id   6CCK
#
_cell.length_a   135.050
_cell.length_b   135.050
_cell.length_c   135.050
_cell.angle_alpha   90.000
_cell.angle_beta   90.000
_cell.angle_gamma   90.000
#
_symmetry.space_group_name_H-M   'I 2 3'
#
loop_
_entity.id
_entity.type
_entity.pdbx_description
1 polymer 'Phosphopantetheine adenylyltransferase'
2 non-polymer (3R)-3-(3-chlorophenyl)-3-[(5-methyl-7-oxo-6,7-dihydro[1,2,4]triazolo[1,5-a]pyrimidin-2-yl)amino]propanenitrile
3 non-polymer "ADENOSINE-5'-TRIPHOSPHATE"
4 non-polymer 'MAGNESIUM ION'
5 non-polymer 'SULFATE ION'
6 water water
#
_entity_poly.entity_id   1
_entity_poly.type   'polypeptide(L)'
_entity_poly.pdbx_seq_one_letter_code
;MQKRAIYPGTFDPITNGHIDIVTRATQMFDHVILAIAASPSKKPMFTLEERVALAQQATAHLGNVEVVGFSDLMANFARN
QHATVLIRGLRAVADFEYEMQLAHMNRHLMPELESVFLMPSKEWSFISSSLVKEVARHQGDVTHFLPENVHQALMAKLAV
D
;
_entity_poly.pdbx_strand_id   A,B
#
loop_
_chem_comp.id
_chem_comp.type
_chem_comp.name
_chem_comp.formula
ATP non-polymer ADENOSINE-5'-TRIPHOSPHATE 'C10 H16 N5 O13 P3'
EXJ non-polymer (3R)-3-(3-chlorophenyl)-3-[(5-methyl-7-oxo-6,7-dihydro[1,2,4]triazolo[1,5-a]pyrimidin-2-yl)amino]propanenitrile 'C15 H13 Cl N6 O'
MG non-polymer 'MAGNESIUM ION' 'Mg 2'
SO4 non-polymer 'SULFATE ION' 'O4 S -2'
#
# COMPACT_ATOMS: atom_id res chain seq x y z
N MET A 1 -1.58 16.50 5.96
CA MET A 1 -2.00 17.74 5.31
C MET A 1 -3.46 17.59 4.88
N GLN A 2 -4.37 17.55 5.88
CA GLN A 2 -5.82 17.34 5.78
C GLN A 2 -6.15 16.19 4.78
N LYS A 3 -5.47 15.04 4.97
CA LYS A 3 -5.56 13.86 4.12
C LYS A 3 -6.71 12.95 4.54
N ARG A 4 -7.60 12.63 3.58
CA ARG A 4 -8.77 11.80 3.83
C ARG A 4 -8.67 10.52 3.05
N ALA A 5 -8.87 9.38 3.74
CA ALA A 5 -8.81 8.06 3.13
C ALA A 5 -10.11 7.33 3.31
N ILE A 6 -10.42 6.48 2.35
N ILE A 6 -10.49 6.52 2.32
CA ILE A 6 -11.61 5.65 2.42
CA ILE A 6 -11.67 5.65 2.44
C ILE A 6 -11.16 4.19 2.45
C ILE A 6 -11.16 4.21 2.49
N TYR A 7 -11.80 3.38 3.30
CA TYR A 7 -11.50 1.96 3.42
C TYR A 7 -12.82 1.22 3.11
N PRO A 8 -13.02 0.83 1.84
CA PRO A 8 -14.28 0.20 1.45
C PRO A 8 -14.28 -1.31 1.54
N GLY A 9 -15.46 -1.89 1.71
CA GLY A 9 -15.57 -3.35 1.78
C GLY A 9 -16.97 -3.76 2.16
N THR A 10 -17.22 -5.07 2.29
CA THR A 10 -18.53 -5.61 2.68
C THR A 10 -18.63 -5.71 4.19
N PHE A 11 -17.50 -6.04 4.89
CA PHE A 11 -17.47 -6.10 6.36
C PHE A 11 -18.67 -6.88 6.92
N ASP A 12 -18.83 -8.14 6.45
CA ASP A 12 -19.96 -8.98 6.79
C ASP A 12 -19.61 -10.25 7.60
N PRO A 13 -19.22 -10.14 8.88
CA PRO A 13 -19.11 -8.92 9.69
C PRO A 13 -17.66 -8.41 9.74
N ILE A 14 -17.48 -7.25 10.34
CA ILE A 14 -16.15 -6.70 10.58
C ILE A 14 -15.38 -7.64 11.52
N THR A 15 -14.12 -7.98 11.17
CA THR A 15 -13.27 -8.86 11.96
C THR A 15 -12.13 -8.06 12.58
N ASN A 16 -11.31 -8.76 13.41
CA ASN A 16 -10.09 -8.15 13.98
C ASN A 16 -9.10 -7.81 12.87
N GLY A 17 -9.14 -8.52 11.74
CA GLY A 17 -8.24 -8.19 10.61
C GLY A 17 -8.60 -6.84 10.01
N HIS A 18 -9.91 -6.57 9.82
CA HIS A 18 -10.38 -5.26 9.34
C HIS A 18 -10.03 -4.18 10.37
N ILE A 19 -10.20 -4.46 11.68
CA ILE A 19 -9.87 -3.48 12.72
C ILE A 19 -8.38 -3.15 12.69
N ASP A 20 -7.53 -4.17 12.46
CA ASP A 20 -6.09 -3.96 12.36
C ASP A 20 -5.80 -2.97 11.20
N ILE A 21 -6.37 -3.22 10.01
CA ILE A 21 -6.15 -2.34 8.85
C ILE A 21 -6.64 -0.92 9.08
N VAL A 22 -7.88 -0.75 9.62
CA VAL A 22 -8.39 0.60 9.81
C VAL A 22 -7.56 1.34 10.87
N THR A 23 -7.08 0.61 11.92
CA THR A 23 -6.24 1.25 12.94
C THR A 23 -4.93 1.76 12.29
N ARG A 24 -4.27 0.92 11.45
CA ARG A 24 -3.03 1.35 10.76
C ARG A 24 -3.31 2.59 9.89
N ALA A 25 -4.47 2.60 9.20
CA ALA A 25 -4.86 3.75 8.36
C ALA A 25 -5.02 5.05 9.18
N THR A 26 -5.58 4.95 10.41
CA THR A 26 -5.79 6.13 11.26
C THR A 26 -4.50 6.73 11.79
N GLN A 27 -3.42 5.91 11.82
CA GLN A 27 -2.11 6.39 12.28
C GLN A 27 -1.36 7.12 11.14
N MET A 28 -1.84 6.96 9.92
N MET A 28 -1.82 6.92 9.88
CA MET A 28 -1.23 7.53 8.73
CA MET A 28 -1.21 7.48 8.68
C MET A 28 -1.94 8.77 8.22
C MET A 28 -1.94 8.69 8.09
N PHE A 29 -3.27 8.72 8.22
CA PHE A 29 -4.13 9.76 7.64
C PHE A 29 -5.00 10.47 8.67
N ASP A 30 -5.32 11.74 8.40
CA ASP A 30 -6.09 12.59 9.29
C ASP A 30 -7.50 12.10 9.53
N HIS A 31 -8.17 11.56 8.49
CA HIS A 31 -9.55 11.12 8.62
C HIS A 31 -9.73 9.91 7.75
N VAL A 32 -10.32 8.87 8.33
CA VAL A 32 -10.58 7.63 7.61
C VAL A 32 -12.08 7.36 7.59
N ILE A 33 -12.61 7.13 6.38
CA ILE A 33 -14.02 6.76 6.19
C ILE A 33 -14.07 5.24 5.99
N LEU A 34 -14.64 4.48 6.95
CA LEU A 34 -14.81 3.04 6.81
C LEU A 34 -16.18 2.92 6.07
N ALA A 35 -16.13 2.50 4.80
CA ALA A 35 -17.26 2.53 3.89
C ALA A 35 -17.80 1.13 3.64
N ILE A 36 -19.02 0.89 4.09
CA ILE A 36 -19.63 -0.44 4.02
C ILE A 36 -20.58 -0.56 2.86
N ALA A 37 -20.26 -1.47 1.95
CA ALA A 37 -21.05 -1.67 0.74
C ALA A 37 -22.34 -2.39 1.03
N ALA A 38 -23.46 -1.90 0.47
CA ALA A 38 -24.75 -2.59 0.67
C ALA A 38 -24.57 -4.06 0.21
N SER A 39 -23.80 -4.25 -0.90
CA SER A 39 -23.38 -5.53 -1.50
C SER A 39 -24.49 -6.60 -1.54
N PRO A 40 -25.65 -6.35 -2.20
CA PRO A 40 -26.69 -7.39 -2.23
C PRO A 40 -26.30 -8.63 -3.06
N SER A 41 -25.39 -8.46 -4.05
CA SER A 41 -24.89 -9.52 -4.94
C SER A 41 -24.19 -10.66 -4.22
N LYS A 42 -23.60 -10.37 -3.04
CA LYS A 42 -22.89 -11.35 -2.21
C LYS A 42 -23.81 -12.00 -1.17
N LYS A 43 -25.13 -11.67 -1.18
CA LYS A 43 -26.17 -12.14 -0.25
C LYS A 43 -25.59 -12.14 1.19
N PRO A 44 -25.35 -10.93 1.77
CA PRO A 44 -24.70 -10.90 3.11
C PRO A 44 -25.55 -11.46 4.24
N MET A 45 -24.89 -11.93 5.33
CA MET A 45 -25.50 -12.45 6.55
C MET A 45 -26.19 -11.34 7.36
N PHE A 46 -25.52 -10.17 7.48
CA PHE A 46 -26.03 -9.01 8.20
C PHE A 46 -26.55 -7.96 7.24
N THR A 47 -27.63 -7.25 7.63
CA THR A 47 -28.13 -6.15 6.78
C THR A 47 -27.10 -5.01 6.82
N LEU A 48 -27.21 -4.05 5.87
N LEU A 48 -27.19 -4.06 5.88
CA LEU A 48 -26.33 -2.89 5.81
CA LEU A 48 -26.26 -2.93 5.87
C LEU A 48 -26.36 -2.10 7.13
C LEU A 48 -26.35 -2.12 7.17
N GLU A 49 -27.57 -1.86 7.68
CA GLU A 49 -27.79 -1.13 8.94
C GLU A 49 -27.11 -1.85 10.12
N GLU A 50 -27.18 -3.19 10.16
CA GLU A 50 -26.50 -4.00 11.19
C GLU A 50 -24.97 -3.87 11.07
N ARG A 51 -24.45 -3.98 9.83
CA ARG A 51 -23.00 -3.90 9.58
C ARG A 51 -22.45 -2.54 9.97
N VAL A 52 -23.17 -1.46 9.65
CA VAL A 52 -22.77 -0.10 10.02
C VAL A 52 -22.77 0.03 11.56
N ALA A 53 -23.84 -0.43 12.26
CA ALA A 53 -23.88 -0.34 13.73
C ALA A 53 -22.73 -1.13 14.38
N LEU A 54 -22.47 -2.34 13.88
CA LEU A 54 -21.40 -3.18 14.44
C LEU A 54 -20.03 -2.53 14.26
N ALA A 55 -19.75 -2.01 13.06
CA ALA A 55 -18.46 -1.34 12.78
C ALA A 55 -18.33 -0.05 13.60
N GLN A 56 -19.43 0.72 13.78
CA GLN A 56 -19.37 1.94 14.59
C GLN A 56 -18.97 1.62 16.03
N GLN A 57 -19.61 0.59 16.62
CA GLN A 57 -19.27 0.21 17.99
C GLN A 57 -17.85 -0.33 18.07
N ALA A 58 -17.41 -1.13 17.07
CA ALA A 58 -16.08 -1.75 17.06
C ALA A 58 -14.94 -0.75 16.85
N THR A 59 -15.24 0.43 16.29
CA THR A 59 -14.23 1.46 15.98
C THR A 59 -14.41 2.74 16.80
N ALA A 60 -15.35 2.76 17.75
CA ALA A 60 -15.66 3.93 18.57
C ALA A 60 -14.44 4.48 19.32
N HIS A 61 -13.45 3.62 19.64
CA HIS A 61 -12.23 4.01 20.35
C HIS A 61 -11.22 4.78 19.47
N LEU A 62 -11.44 4.78 18.15
CA LEU A 62 -10.60 5.49 17.18
C LEU A 62 -11.32 6.79 16.82
N GLY A 63 -10.77 7.90 17.26
CA GLY A 63 -11.36 9.22 17.10
C GLY A 63 -11.53 9.77 15.70
N ASN A 64 -10.66 9.36 14.74
CA ASN A 64 -10.70 9.90 13.39
C ASN A 64 -11.30 8.95 12.34
N VAL A 65 -12.17 8.04 12.79
N VAL A 65 -12.18 8.02 12.78
CA VAL A 65 -12.87 7.10 11.92
CA VAL A 65 -12.85 7.05 11.89
C VAL A 65 -14.34 7.57 11.83
C VAL A 65 -14.37 7.29 11.84
N GLU A 66 -14.91 7.43 10.63
CA GLU A 66 -16.32 7.70 10.38
C GLU A 66 -16.86 6.48 9.59
N VAL A 67 -17.91 5.81 10.10
CA VAL A 67 -18.48 4.64 9.41
C VAL A 67 -19.70 5.06 8.60
N VAL A 68 -19.73 4.68 7.32
CA VAL A 68 -20.86 5.04 6.43
C VAL A 68 -21.19 3.88 5.49
N GLY A 69 -22.45 3.77 5.11
CA GLY A 69 -22.87 2.77 4.14
C GLY A 69 -22.95 3.38 2.75
N PHE A 70 -22.80 2.54 1.69
CA PHE A 70 -22.91 3.04 0.32
C PHE A 70 -23.33 1.97 -0.66
N SER A 71 -24.01 2.39 -1.75
CA SER A 71 -24.36 1.48 -2.85
C SER A 71 -23.69 1.98 -4.15
N ASP A 72 -23.01 3.13 -4.08
CA ASP A 72 -22.40 3.77 -5.25
C ASP A 72 -21.19 3.01 -5.77
N LEU A 73 -20.73 3.40 -6.98
CA LEU A 73 -19.47 2.95 -7.53
C LEU A 73 -18.44 3.45 -6.48
N MET A 74 -17.48 2.60 -6.04
CA MET A 74 -16.58 3.02 -4.97
C MET A 74 -15.72 4.27 -5.34
N ALA A 75 -15.31 4.41 -6.62
CA ALA A 75 -14.52 5.60 -7.01
C ALA A 75 -15.38 6.88 -6.90
N ASN A 76 -16.70 6.80 -7.23
CA ASN A 76 -17.59 7.96 -7.09
C ASN A 76 -17.79 8.28 -5.62
N PHE A 77 -17.93 7.23 -4.78
N PHE A 77 -17.91 7.22 -4.79
CA PHE A 77 -18.08 7.44 -3.34
CA PHE A 77 -18.06 7.39 -3.35
C PHE A 77 -16.84 8.11 -2.75
C PHE A 77 -16.85 8.07 -2.74
N ALA A 78 -15.62 7.66 -3.15
CA ALA A 78 -14.37 8.28 -2.68
C ALA A 78 -14.36 9.79 -3.10
N ARG A 79 -14.70 10.11 -4.36
N ARG A 79 -14.71 10.10 -4.36
CA ARG A 79 -14.75 11.51 -4.83
CA ARG A 79 -14.77 11.50 -4.83
C ARG A 79 -15.73 12.34 -3.99
C ARG A 79 -15.71 12.32 -3.95
N ASN A 80 -16.90 11.77 -3.69
CA ASN A 80 -17.92 12.48 -2.91
C ASN A 80 -17.59 12.59 -1.45
N GLN A 81 -16.65 11.77 -0.95
CA GLN A 81 -16.15 11.86 0.42
C GLN A 81 -14.93 12.74 0.51
N HIS A 82 -14.48 13.32 -0.64
CA HIS A 82 -13.28 14.16 -0.78
C HIS A 82 -12.04 13.35 -0.36
N ALA A 83 -12.05 12.05 -0.64
CA ALA A 83 -10.93 11.18 -0.28
C ALA A 83 -9.96 11.13 -1.45
N THR A 84 -8.64 11.08 -1.16
CA THR A 84 -7.62 10.95 -2.21
C THR A 84 -6.83 9.66 -2.04
N VAL A 85 -7.18 8.85 -1.01
CA VAL A 85 -6.53 7.57 -0.75
C VAL A 85 -7.62 6.52 -0.59
N LEU A 86 -7.45 5.37 -1.23
CA LEU A 86 -8.34 4.23 -1.06
C LEU A 86 -7.52 3.11 -0.43
N ILE A 87 -7.87 2.72 0.79
CA ILE A 87 -7.12 1.68 1.54
C ILE A 87 -7.66 0.31 1.18
N ARG A 88 -6.75 -0.66 0.93
CA ARG A 88 -7.09 -2.07 0.75
C ARG A 88 -6.12 -2.88 1.61
N GLY A 89 -6.60 -3.99 2.13
CA GLY A 89 -5.76 -4.88 2.94
C GLY A 89 -5.31 -6.06 2.13
N LEU A 90 -4.02 -6.46 2.28
CA LEU A 90 -3.46 -7.62 1.58
C LEU A 90 -3.08 -8.73 2.55
N ARG A 91 -3.79 -9.87 2.48
CA ARG A 91 -3.48 -11.04 3.32
C ARG A 91 -2.52 -12.01 2.62
N ALA A 92 -2.69 -12.21 1.30
CA ALA A 92 -1.97 -13.21 0.47
C ALA A 92 -2.12 -12.96 -1.06
N VAL A 93 -1.50 -13.83 -1.91
CA VAL A 93 -1.47 -13.74 -3.38
C VAL A 93 -2.88 -13.61 -4.02
N ALA A 94 -3.88 -14.33 -3.48
CA ALA A 94 -5.28 -14.28 -3.96
C ALA A 94 -5.79 -12.84 -3.89
N ASP A 95 -5.53 -12.15 -2.77
CA ASP A 95 -5.87 -10.74 -2.60
C ASP A 95 -5.15 -9.91 -3.66
N PHE A 96 -3.80 -10.05 -3.75
CA PHE A 96 -2.93 -9.32 -4.68
C PHE A 96 -3.42 -9.28 -6.16
N GLU A 97 -3.77 -10.43 -6.77
CA GLU A 97 -4.21 -10.48 -8.18
C GLU A 97 -5.51 -9.69 -8.45
N TYR A 98 -6.56 -9.94 -7.65
CA TYR A 98 -7.81 -9.22 -7.78
C TYR A 98 -7.62 -7.74 -7.41
N GLU A 99 -6.82 -7.46 -6.34
CA GLU A 99 -6.59 -6.08 -5.91
C GLU A 99 -5.90 -5.25 -7.00
N MET A 100 -5.05 -5.88 -7.84
CA MET A 100 -4.42 -5.20 -8.99
C MET A 100 -5.46 -4.80 -10.02
N GLN A 101 -6.39 -5.72 -10.36
CA GLN A 101 -7.47 -5.42 -11.33
C GLN A 101 -8.32 -4.28 -10.80
N LEU A 102 -8.73 -4.38 -9.52
CA LEU A 102 -9.56 -3.37 -8.93
C LEU A 102 -8.86 -2.02 -8.90
N ALA A 103 -7.59 -1.99 -8.49
CA ALA A 103 -6.87 -0.72 -8.39
C ALA A 103 -6.67 -0.07 -9.78
N HIS A 104 -6.41 -0.89 -10.82
CA HIS A 104 -6.25 -0.28 -12.16
C HIS A 104 -7.60 0.27 -12.68
N MET A 105 -8.71 -0.41 -12.34
CA MET A 105 -10.02 0.08 -12.75
C MET A 105 -10.35 1.34 -11.94
N ASN A 106 -10.12 1.34 -10.62
CA ASN A 106 -10.36 2.56 -9.84
C ASN A 106 -9.53 3.76 -10.35
N ARG A 107 -8.28 3.48 -10.81
CA ARG A 107 -7.43 4.54 -11.36
C ARG A 107 -8.01 5.09 -12.65
N HIS A 108 -8.59 4.22 -13.49
CA HIS A 108 -9.20 4.66 -14.73
C HIS A 108 -10.38 5.59 -14.41
N LEU A 109 -11.15 5.25 -13.36
CA LEU A 109 -12.36 6.01 -12.99
C LEU A 109 -12.06 7.31 -12.24
N MET A 110 -10.95 7.33 -11.48
CA MET A 110 -10.54 8.48 -10.68
C MET A 110 -9.02 8.44 -10.52
N PRO A 111 -8.28 9.03 -11.50
CA PRO A 111 -6.81 8.94 -11.46
C PRO A 111 -6.12 9.54 -10.24
N GLU A 112 -6.73 10.55 -9.62
CA GLU A 112 -6.12 11.21 -8.46
C GLU A 112 -6.38 10.45 -7.15
N LEU A 113 -7.18 9.37 -7.20
CA LEU A 113 -7.43 8.54 -6.04
C LEU A 113 -6.33 7.45 -6.02
N GLU A 114 -5.48 7.48 -5.00
CA GLU A 114 -4.39 6.55 -4.92
C GLU A 114 -4.75 5.35 -4.09
N SER A 115 -4.63 4.12 -4.66
CA SER A 115 -4.84 2.92 -3.86
C SER A 115 -3.58 2.65 -3.01
N VAL A 116 -3.78 2.37 -1.71
CA VAL A 116 -2.70 2.15 -0.76
C VAL A 116 -3.00 0.78 -0.19
N PHE A 117 -2.04 -0.14 -0.24
CA PHE A 117 -2.25 -1.47 0.31
C PHE A 117 -1.46 -1.59 1.60
N LEU A 118 -2.13 -2.11 2.64
CA LEU A 118 -1.54 -2.34 3.96
C LEU A 118 -1.59 -3.80 4.27
N MET A 119 -0.62 -4.29 5.06
N MET A 119 -0.65 -4.26 5.10
CA MET A 119 -0.57 -5.70 5.48
CA MET A 119 -0.52 -5.64 5.52
C MET A 119 -0.94 -5.83 6.94
C MET A 119 -0.98 -5.79 6.97
N PRO A 120 -1.84 -6.77 7.30
CA PRO A 120 -2.24 -6.93 8.71
C PRO A 120 -1.13 -7.61 9.52
N SER A 121 -1.33 -7.66 10.85
CA SER A 121 -0.50 -8.45 11.74
C SER A 121 -0.49 -9.90 11.24
N LYS A 122 0.57 -10.65 11.56
CA LYS A 122 0.60 -12.10 11.24
C LYS A 122 -0.64 -12.76 11.89
N GLU A 123 -1.07 -12.26 13.08
CA GLU A 123 -2.22 -12.83 13.81
C GLU A 123 -3.49 -12.96 12.95
N TRP A 124 -3.73 -11.98 12.04
CA TRP A 124 -4.97 -11.97 11.26
C TRP A 124 -4.72 -12.21 9.78
N SER A 125 -3.52 -12.67 9.41
N SER A 125 -3.49 -12.59 9.39
CA SER A 125 -3.13 -12.81 8.01
CA SER A 125 -3.11 -12.77 7.98
C SER A 125 -3.85 -13.93 7.28
C SER A 125 -3.68 -14.04 7.30
N PHE A 126 -4.48 -14.83 8.04
CA PHE A 126 -5.11 -16.03 7.48
C PHE A 126 -6.61 -16.11 7.75
N ILE A 127 -7.22 -14.97 8.06
CA ILE A 127 -8.67 -14.96 8.30
C ILE A 127 -9.44 -14.09 7.30
N SER A 128 -10.72 -14.41 7.16
CA SER A 128 -11.68 -13.68 6.33
C SER A 128 -13.03 -13.74 7.02
N SER A 129 -13.96 -12.83 6.67
CA SER A 129 -15.32 -12.89 7.21
C SER A 129 -15.97 -14.23 6.79
N SER A 130 -15.74 -14.71 5.55
N SER A 130 -15.76 -14.71 5.55
CA SER A 130 -16.32 -16.00 5.10
CA SER A 130 -16.34 -15.99 5.10
C SER A 130 -15.86 -17.18 5.95
C SER A 130 -15.86 -17.19 5.92
N LEU A 131 -14.55 -17.26 6.23
CA LEU A 131 -13.99 -18.35 7.04
C LEU A 131 -14.57 -18.31 8.46
N VAL A 132 -14.62 -17.11 9.08
CA VAL A 132 -15.15 -16.97 10.43
C VAL A 132 -16.63 -17.42 10.44
N LYS A 133 -17.43 -17.01 9.43
CA LYS A 133 -18.83 -17.42 9.39
C LYS A 133 -18.97 -18.94 9.24
N GLU A 134 -18.12 -19.57 8.42
CA GLU A 134 -18.18 -21.03 8.20
C GLU A 134 -17.86 -21.77 9.51
N VAL A 135 -16.85 -21.31 10.26
CA VAL A 135 -16.51 -21.96 11.53
C VAL A 135 -17.68 -21.78 12.51
N ALA A 136 -18.23 -20.54 12.61
CA ALA A 136 -19.35 -20.31 13.53
C ALA A 136 -20.60 -21.10 13.16
N ARG A 137 -20.85 -21.27 11.86
CA ARG A 137 -22.02 -22.05 11.38
C ARG A 137 -21.94 -23.50 11.84
N HIS A 138 -20.71 -24.00 12.06
CA HIS A 138 -20.46 -25.35 12.53
C HIS A 138 -20.16 -25.40 14.02
N GLN A 139 -20.54 -24.34 14.73
CA GLN A 139 -20.45 -24.22 16.19
C GLN A 139 -18.99 -24.17 16.72
N GLY A 140 -18.04 -23.78 15.88
CA GLY A 140 -16.65 -23.58 16.29
C GLY A 140 -16.44 -22.22 16.93
N ASP A 141 -15.47 -22.13 17.85
CA ASP A 141 -15.22 -20.89 18.60
C ASP A 141 -14.48 -19.85 17.75
N VAL A 142 -15.09 -18.66 17.59
CA VAL A 142 -14.49 -17.57 16.80
C VAL A 142 -14.32 -16.30 17.65
N THR A 143 -14.40 -16.42 18.99
CA THR A 143 -14.22 -15.25 19.89
C THR A 143 -12.87 -14.55 19.66
N HIS A 144 -11.82 -15.30 19.30
CA HIS A 144 -10.50 -14.70 19.11
C HIS A 144 -10.41 -13.74 17.92
N PHE A 145 -11.31 -13.90 16.94
CA PHE A 145 -11.20 -13.18 15.66
C PHE A 145 -12.09 -11.99 15.49
N LEU A 146 -12.99 -11.76 16.45
CA LEU A 146 -13.99 -10.71 16.33
C LEU A 146 -14.03 -9.80 17.53
N PRO A 147 -14.37 -8.49 17.30
CA PRO A 147 -14.64 -7.61 18.44
C PRO A 147 -15.80 -8.22 19.26
N GLU A 148 -15.85 -8.00 20.58
CA GLU A 148 -16.90 -8.57 21.45
C GLU A 148 -18.33 -8.36 20.91
N ASN A 149 -18.68 -7.09 20.56
CA ASN A 149 -20.01 -6.75 20.06
C ASN A 149 -20.39 -7.55 18.80
N VAL A 150 -19.40 -7.77 17.90
CA VAL A 150 -19.60 -8.52 16.65
C VAL A 150 -19.79 -10.02 16.96
N HIS A 151 -18.98 -10.57 17.87
CA HIS A 151 -19.12 -11.98 18.24
C HIS A 151 -20.53 -12.26 18.79
N GLN A 152 -21.01 -11.42 19.71
CA GLN A 152 -22.35 -11.62 20.26
C GLN A 152 -23.45 -11.49 19.19
N ALA A 153 -23.27 -10.58 18.21
CA ALA A 153 -24.21 -10.40 17.11
C ALA A 153 -24.22 -11.62 16.19
N LEU A 154 -23.03 -12.18 15.89
CA LEU A 154 -22.89 -13.37 15.03
C LEU A 154 -23.57 -14.59 15.71
N MET A 155 -23.33 -14.80 17.01
N MET A 155 -23.33 -14.79 17.01
CA MET A 155 -23.95 -15.90 17.76
CA MET A 155 -23.95 -15.89 17.75
C MET A 155 -25.47 -15.77 17.71
C MET A 155 -25.47 -15.76 17.72
N ALA A 156 -25.97 -14.53 17.89
CA ALA A 156 -27.41 -14.25 17.87
C ALA A 156 -28.03 -14.52 16.49
N LYS A 157 -27.33 -14.12 15.41
CA LYS A 157 -27.82 -14.33 14.05
C LYS A 157 -27.94 -15.82 13.72
N LEU A 158 -26.98 -16.63 14.18
CA LEU A 158 -27.00 -18.06 13.91
C LEU A 158 -27.90 -18.86 14.84
N ALA A 159 -28.32 -18.26 15.98
CA ALA A 159 -29.14 -18.93 17.00
C ALA A 159 -30.54 -19.32 16.55
N MET B 1 -1.50 16.06 10.23
CA MET B 1 -0.32 15.20 10.35
C MET B 1 0.79 15.58 9.36
N GLN B 2 2.02 15.79 9.89
CA GLN B 2 3.24 16.12 9.13
C GLN B 2 3.99 14.79 8.89
N LYS B 3 3.58 14.02 7.86
CA LYS B 3 4.10 12.69 7.60
C LYS B 3 5.39 12.68 6.78
N ARG B 4 6.34 11.85 7.21
CA ARG B 4 7.61 11.65 6.53
C ARG B 4 7.70 10.20 6.10
N ALA B 5 8.03 9.99 4.83
CA ALA B 5 8.10 8.66 4.29
C ALA B 5 9.43 8.39 3.66
N ILE B 6 9.92 7.13 3.73
CA ILE B 6 11.12 6.75 2.99
C ILE B 6 10.73 5.81 1.84
N TYR B 7 11.46 5.88 0.73
CA TYR B 7 11.26 5.00 -0.43
C TYR B 7 12.62 4.37 -0.75
N PRO B 8 12.93 3.22 -0.11
CA PRO B 8 14.28 2.65 -0.26
C PRO B 8 14.47 1.72 -1.43
N GLY B 9 15.71 1.59 -1.88
CA GLY B 9 16.00 0.66 -2.96
C GLY B 9 17.43 0.81 -3.44
N THR B 10 17.80 0.05 -4.47
N THR B 10 17.77 0.06 -4.47
CA THR B 10 19.13 0.17 -5.06
CA THR B 10 19.10 0.13 -5.06
C THR B 10 19.14 1.24 -6.15
C THR B 10 19.12 1.23 -6.14
N PHE B 11 18.01 1.40 -6.91
CA PHE B 11 17.89 2.39 -7.99
C PHE B 11 19.12 2.34 -8.95
N ASP B 12 19.36 1.16 -9.51
CA ASP B 12 20.54 0.89 -10.30
C ASP B 12 20.20 0.51 -11.76
N PRO B 13 19.79 1.46 -12.62
CA PRO B 13 19.53 2.87 -12.35
C PRO B 13 18.05 3.14 -12.06
N ILE B 14 17.73 4.36 -11.64
CA ILE B 14 16.36 4.77 -11.46
C ILE B 14 15.62 4.69 -12.85
N THR B 15 14.42 4.13 -12.87
CA THR B 15 13.63 4.01 -14.10
C THR B 15 12.33 4.84 -13.99
N ASN B 16 11.55 4.85 -15.08
CA ASN B 16 10.25 5.54 -15.06
C ASN B 16 9.29 4.88 -14.08
N GLY B 17 9.48 3.58 -13.78
CA GLY B 17 8.65 2.90 -12.78
C GLY B 17 8.90 3.48 -11.40
N HIS B 18 10.17 3.65 -11.02
CA HIS B 18 10.53 4.27 -9.74
C HIS B 18 10.00 5.72 -9.68
N ILE B 19 10.14 6.49 -10.79
N ILE B 19 10.16 6.52 -10.77
CA ILE B 19 9.66 7.87 -10.88
CA ILE B 19 9.65 7.90 -10.78
C ILE B 19 8.15 7.92 -10.63
C ILE B 19 8.14 7.92 -10.58
N ASP B 20 7.41 6.99 -11.21
CA ASP B 20 5.96 6.89 -11.04
C ASP B 20 5.64 6.68 -9.53
N ILE B 21 6.33 5.73 -8.87
CA ILE B 21 6.05 5.46 -7.44
C ILE B 21 6.40 6.65 -6.56
N VAL B 22 7.57 7.29 -6.78
CA VAL B 22 7.93 8.40 -5.90
C VAL B 22 6.97 9.59 -6.12
N THR B 23 6.50 9.80 -7.38
CA THR B 23 5.57 10.89 -7.66
C THR B 23 4.25 10.64 -6.89
N ARG B 24 3.72 9.40 -6.95
CA ARG B 24 2.48 9.09 -6.21
C ARG B 24 2.69 9.32 -4.71
N ALA B 25 3.86 8.90 -4.17
CA ALA B 25 4.18 9.10 -2.73
C ALA B 25 4.18 10.59 -2.36
N THR B 26 4.73 11.46 -3.26
CA THR B 26 4.76 12.92 -2.97
C THR B 26 3.37 13.57 -2.89
N GLN B 27 2.35 12.92 -3.48
N GLN B 27 2.37 12.91 -3.51
CA GLN B 27 0.99 13.45 -3.45
CA GLN B 27 1.00 13.39 -3.56
C GLN B 27 0.29 13.14 -2.13
C GLN B 27 0.19 12.97 -2.30
N MET B 28 0.74 12.09 -1.42
CA MET B 28 0.07 11.71 -0.18
C MET B 28 0.82 12.05 1.08
N PHE B 29 2.14 12.21 0.98
CA PHE B 29 2.96 12.49 2.16
C PHE B 29 3.68 13.81 2.06
N ASP B 30 3.86 14.48 3.20
CA ASP B 30 4.50 15.80 3.20
C ASP B 30 5.96 15.80 2.75
N HIS B 31 6.72 14.76 3.11
CA HIS B 31 8.13 14.68 2.76
C HIS B 31 8.49 13.26 2.43
N VAL B 32 9.16 13.07 1.27
CA VAL B 32 9.56 11.74 0.83
C VAL B 32 11.08 11.69 0.67
N ILE B 33 11.71 10.72 1.34
CA ILE B 33 13.15 10.50 1.21
C ILE B 33 13.36 9.31 0.27
N LEU B 34 13.94 9.55 -0.92
CA LEU B 34 14.25 8.48 -1.85
C LEU B 34 15.64 8.02 -1.36
N ALA B 35 15.66 6.81 -0.78
CA ALA B 35 16.82 6.27 -0.06
C ALA B 35 17.56 5.24 -0.88
N ILE B 36 18.83 5.55 -1.24
CA ILE B 36 19.63 4.69 -2.13
C ILE B 36 20.64 3.88 -1.39
N ALA B 37 20.55 2.54 -1.53
CA ALA B 37 21.46 1.60 -0.85
C ALA B 37 22.89 1.76 -1.32
N ALA B 38 23.80 2.02 -0.37
CA ALA B 38 25.21 2.25 -0.69
C ALA B 38 25.94 0.99 -1.12
N SER B 39 25.74 -0.09 -0.38
CA SER B 39 26.47 -1.35 -0.56
C SER B 39 25.54 -2.54 -0.69
N PRO B 40 24.84 -2.72 -1.83
CA PRO B 40 23.97 -3.90 -1.99
C PRO B 40 24.79 -5.20 -2.07
N SER B 41 24.15 -6.36 -1.80
CA SER B 41 24.82 -7.68 -1.86
C SER B 41 25.45 -7.93 -3.24
N LYS B 42 24.73 -7.57 -4.32
CA LYS B 42 25.22 -7.69 -5.68
C LYS B 42 25.83 -6.34 -6.10
N LYS B 43 27.04 -6.37 -6.68
CA LYS B 43 27.75 -5.18 -7.14
C LYS B 43 26.87 -4.44 -8.17
N PRO B 44 26.55 -3.16 -7.92
CA PRO B 44 25.69 -2.44 -8.87
C PRO B 44 26.41 -2.00 -10.16
N MET B 45 25.66 -1.77 -11.27
CA MET B 45 26.24 -1.29 -12.54
C MET B 45 26.78 0.14 -12.36
N PHE B 46 26.01 0.98 -11.65
CA PHE B 46 26.33 2.36 -11.36
C PHE B 46 26.80 2.50 -9.93
N THR B 47 27.82 3.34 -9.72
CA THR B 47 28.33 3.59 -8.37
C THR B 47 27.28 4.40 -7.60
N LEU B 48 27.41 4.42 -6.26
CA LEU B 48 26.49 5.19 -5.44
C LEU B 48 26.44 6.65 -5.86
N GLU B 49 27.63 7.28 -6.10
CA GLU B 49 27.64 8.68 -6.53
C GLU B 49 26.84 8.89 -7.84
N GLU B 50 26.95 7.94 -8.79
CA GLU B 50 26.20 8.00 -10.06
C GLU B 50 24.71 7.80 -9.80
N ARG B 51 24.33 6.82 -8.96
CA ARG B 51 22.91 6.53 -8.67
C ARG B 51 22.22 7.70 -8.00
N VAL B 52 22.92 8.34 -7.06
CA VAL B 52 22.40 9.52 -6.38
C VAL B 52 22.22 10.69 -7.35
N ALA B 53 23.24 11.00 -8.17
CA ALA B 53 23.14 12.12 -9.10
C ALA B 53 22.01 11.91 -10.11
N LEU B 54 21.88 10.69 -10.63
CA LEU B 54 20.81 10.39 -11.57
C LEU B 54 19.43 10.54 -10.94
N ALA B 55 19.23 10.03 -9.71
CA ALA B 55 17.94 10.14 -9.02
C ALA B 55 17.61 11.60 -8.69
N GLN B 56 18.63 12.38 -8.28
CA GLN B 56 18.40 13.80 -7.96
C GLN B 56 17.93 14.56 -9.19
N GLN B 57 18.63 14.40 -10.34
CA GLN B 57 18.25 15.08 -11.57
C GLN B 57 16.84 14.64 -12.04
N ALA B 58 16.53 13.34 -11.90
CA ALA B 58 15.24 12.82 -12.36
C ALA B 58 14.06 13.18 -11.45
N THR B 59 14.32 13.63 -10.20
CA THR B 59 13.25 14.00 -9.25
C THR B 59 13.28 15.50 -8.87
N ALA B 60 14.19 16.26 -9.51
CA ALA B 60 14.40 17.71 -9.25
C ALA B 60 13.11 18.54 -9.37
N HIS B 61 12.14 18.07 -10.20
CA HIS B 61 10.85 18.75 -10.41
C HIS B 61 9.86 18.50 -9.26
N LEU B 62 10.17 17.55 -8.35
CA LEU B 62 9.34 17.22 -7.20
C LEU B 62 9.93 17.93 -5.97
N GLY B 63 9.24 18.98 -5.53
CA GLY B 63 9.69 19.82 -4.42
C GLY B 63 9.85 19.17 -3.06
N ASN B 64 9.09 18.09 -2.80
CA ASN B 64 9.14 17.47 -1.46
C ASN B 64 9.85 16.11 -1.44
N VAL B 65 10.81 15.90 -2.36
CA VAL B 65 11.65 14.71 -2.39
C VAL B 65 13.08 15.11 -2.02
N GLU B 66 13.74 14.26 -1.24
CA GLU B 66 15.14 14.40 -0.85
C GLU B 66 15.79 13.06 -1.22
N VAL B 67 16.93 13.06 -1.94
CA VAL B 67 17.62 11.80 -2.29
C VAL B 67 18.79 11.63 -1.31
N VAL B 68 18.88 10.46 -0.64
CA VAL B 68 19.92 10.26 0.38
C VAL B 68 20.47 8.83 0.27
N GLY B 69 21.80 8.69 0.38
CA GLY B 69 22.43 7.38 0.42
C GLY B 69 22.41 6.80 1.82
N PHE B 70 22.31 5.47 1.94
CA PHE B 70 22.32 4.82 3.25
C PHE B 70 22.95 3.44 3.17
N SER B 71 23.57 3.00 4.26
CA SER B 71 24.22 1.70 4.31
C SER B 71 23.68 0.78 5.43
N ASP B 72 22.78 1.30 6.25
N ASP B 72 22.82 1.33 6.32
CA ASP B 72 22.24 0.56 7.37
CA ASP B 72 22.25 0.60 7.46
C ASP B 72 20.96 -0.16 7.04
C ASP B 72 20.99 -0.14 7.08
N LEU B 73 20.38 -0.84 8.05
CA LEU B 73 19.11 -1.51 7.91
C LEU B 73 18.08 -0.42 7.50
N MET B 74 17.20 -0.71 6.55
CA MET B 74 16.24 0.30 6.09
C MET B 74 15.33 0.77 7.25
N ALA B 75 15.04 -0.12 8.22
CA ALA B 75 14.24 0.26 9.39
C ALA B 75 15.03 1.22 10.29
N ASN B 76 16.35 0.99 10.45
CA ASN B 76 17.23 1.87 11.26
C ASN B 76 17.31 3.26 10.59
N PHE B 77 17.39 3.28 9.24
CA PHE B 77 17.42 4.54 8.48
C PHE B 77 16.11 5.31 8.67
N ALA B 78 14.96 4.63 8.51
CA ALA B 78 13.65 5.26 8.72
C ALA B 78 13.59 5.85 10.12
N ARG B 79 14.03 5.07 11.14
CA ARG B 79 14.03 5.52 12.53
C ARG B 79 14.81 6.81 12.68
N ASN B 80 16.04 6.88 12.13
CA ASN B 80 16.91 8.06 12.25
C ASN B 80 16.38 9.26 11.45
N GLN B 81 15.62 9.02 10.37
CA GLN B 81 15.03 10.07 9.55
C GLN B 81 13.67 10.51 10.08
N HIS B 82 13.20 9.92 11.21
CA HIS B 82 11.87 10.24 11.80
C HIS B 82 10.77 9.97 10.77
N ALA B 83 10.93 8.90 9.98
CA ALA B 83 9.93 8.52 9.01
C ALA B 83 9.02 7.47 9.65
N THR B 84 7.72 7.51 9.34
CA THR B 84 6.78 6.54 9.91
C THR B 84 6.13 5.72 8.82
N VAL B 85 6.52 5.95 7.56
CA VAL B 85 5.98 5.21 6.40
C VAL B 85 7.17 4.74 5.56
N LEU B 86 7.14 3.47 5.14
CA LEU B 86 8.14 2.91 4.23
C LEU B 86 7.35 2.54 2.97
N ILE B 87 7.70 3.17 1.83
N ILE B 87 7.69 3.17 1.84
CA ILE B 87 7.04 2.95 0.55
CA ILE B 87 7.00 2.94 0.56
C ILE B 87 7.68 1.79 -0.18
C ILE B 87 7.67 1.81 -0.21
N ARG B 88 6.85 0.87 -0.70
CA ARG B 88 7.31 -0.22 -1.57
C ARG B 88 6.47 -0.13 -2.84
N GLY B 89 7.10 -0.33 -4.00
CA GLY B 89 6.37 -0.37 -5.26
C GLY B 89 5.99 -1.81 -5.53
N LEU B 90 4.70 -2.06 -5.86
CA LEU B 90 4.20 -3.41 -6.13
C LEU B 90 3.82 -3.55 -7.60
N ARG B 91 4.70 -4.18 -8.38
CA ARG B 91 4.50 -4.43 -9.81
C ARG B 91 3.60 -5.62 -10.04
N ALA B 92 3.11 -5.76 -11.28
CA ALA B 92 2.29 -6.91 -11.65
C ALA B 92 3.14 -8.17 -11.51
N VAL B 93 4.44 -7.99 -11.69
CA VAL B 93 5.46 -9.03 -11.67
C VAL B 93 6.22 -9.11 -10.33
N ALA B 94 5.67 -8.48 -9.26
CA ALA B 94 6.33 -8.48 -7.94
C ALA B 94 6.41 -9.87 -7.31
N ASP B 95 7.42 -10.05 -6.43
CA ASP B 95 7.59 -11.29 -5.66
C ASP B 95 6.85 -10.96 -4.38
N PHE B 96 5.53 -11.19 -4.41
CA PHE B 96 4.62 -10.87 -3.32
C PHE B 96 5.04 -11.50 -2.01
N GLU B 97 5.53 -12.75 -2.08
CA GLU B 97 6.03 -13.53 -0.94
C GLU B 97 7.19 -12.78 -0.29
N TYR B 98 8.17 -12.29 -1.09
CA TYR B 98 9.29 -11.53 -0.52
C TYR B 98 8.81 -10.23 0.13
N GLU B 99 7.83 -9.51 -0.50
CA GLU B 99 7.28 -8.29 0.08
C GLU B 99 6.65 -8.55 1.45
N MET B 100 5.97 -9.69 1.61
CA MET B 100 5.39 -10.09 2.90
C MET B 100 6.49 -10.34 3.93
N GLN B 101 7.56 -11.09 3.55
CA GLN B 101 8.69 -11.36 4.46
C GLN B 101 9.28 -10.03 4.91
N LEU B 102 9.60 -9.15 3.94
CA LEU B 102 10.22 -7.88 4.25
C LEU B 102 9.37 -7.01 5.17
N ALA B 103 8.06 -6.87 4.87
CA ALA B 103 7.18 -6.03 5.71
C ALA B 103 7.06 -6.56 7.14
N HIS B 104 6.91 -7.89 7.30
CA HIS B 104 6.79 -8.43 8.66
C HIS B 104 8.12 -8.28 9.44
N MET B 105 9.26 -8.42 8.75
CA MET B 105 10.57 -8.23 9.42
C MET B 105 10.74 -6.74 9.77
N ASN B 106 10.43 -5.84 8.83
CA ASN B 106 10.51 -4.39 9.12
C ASN B 106 9.63 -4.01 10.33
N ARG B 107 8.43 -4.63 10.47
CA ARG B 107 7.54 -4.37 11.60
C ARG B 107 8.13 -4.90 12.90
N HIS B 108 8.81 -6.06 12.87
CA HIS B 108 9.50 -6.57 14.04
C HIS B 108 10.60 -5.59 14.47
N LEU B 109 11.37 -5.06 13.50
CA LEU B 109 12.49 -4.16 13.82
C LEU B 109 12.03 -2.77 14.28
N MET B 110 10.96 -2.24 13.67
CA MET B 110 10.42 -0.91 14.01
C MET B 110 8.89 -0.94 13.91
N PRO B 111 8.18 -1.32 14.99
CA PRO B 111 6.71 -1.46 14.89
C PRO B 111 5.95 -0.19 14.55
N GLU B 112 6.54 0.98 14.83
CA GLU B 112 5.90 2.28 14.53
C GLU B 112 6.05 2.70 13.05
N LEU B 113 6.79 1.92 12.27
CA LEU B 113 6.99 2.15 10.83
C LEU B 113 5.97 1.31 10.04
N GLU B 114 5.14 1.96 9.24
CA GLU B 114 4.15 1.23 8.46
C GLU B 114 4.60 1.06 7.02
N SER B 115 4.51 -0.16 6.48
CA SER B 115 4.81 -0.41 5.08
C SER B 115 3.58 -0.09 4.26
N VAL B 116 3.75 0.75 3.21
N VAL B 116 3.77 0.72 3.22
CA VAL B 116 2.69 1.20 2.28
CA VAL B 116 2.71 1.07 2.30
C VAL B 116 3.07 0.72 0.88
C VAL B 116 3.13 0.54 0.95
N PHE B 117 2.19 -0.09 0.25
CA PHE B 117 2.43 -0.59 -1.11
C PHE B 117 1.65 0.26 -2.08
N LEU B 118 2.36 0.78 -3.10
CA LEU B 118 1.79 1.60 -4.16
C LEU B 118 1.96 0.85 -5.48
N MET B 119 1.02 1.06 -6.39
N MET B 119 1.00 1.03 -6.39
CA MET B 119 0.99 0.38 -7.67
CA MET B 119 1.04 0.35 -7.69
C MET B 119 1.37 1.33 -8.79
C MET B 119 1.38 1.32 -8.80
N PRO B 120 2.33 0.96 -9.67
CA PRO B 120 2.68 1.88 -10.77
C PRO B 120 1.64 1.82 -11.88
N SER B 121 1.78 2.74 -12.84
CA SER B 121 1.00 2.74 -14.07
C SER B 121 1.15 1.33 -14.71
N LYS B 122 0.15 0.89 -15.49
CA LYS B 122 0.28 -0.36 -16.26
C LYS B 122 1.54 -0.27 -17.15
N GLU B 123 1.88 0.96 -17.61
CA GLU B 123 3.03 1.18 -18.50
C GLU B 123 4.36 0.62 -17.96
N TRP B 124 4.54 0.68 -16.61
CA TRP B 124 5.80 0.24 -15.98
C TRP B 124 5.62 -0.99 -15.09
N SER B 125 4.45 -1.67 -15.20
N SER B 125 4.44 -1.62 -15.09
CA SER B 125 4.14 -2.79 -14.32
CA SER B 125 4.22 -2.75 -14.17
C SER B 125 4.92 -4.06 -14.60
C SER B 125 4.91 -4.08 -14.58
N PHE B 126 5.61 -4.11 -15.74
CA PHE B 126 6.30 -5.33 -16.18
C PHE B 126 7.77 -5.16 -16.39
N ILE B 127 8.37 -4.09 -15.82
CA ILE B 127 9.82 -3.85 -15.98
C ILE B 127 10.53 -3.88 -14.64
N SER B 128 11.85 -3.96 -14.69
CA SER B 128 12.72 -3.90 -13.51
C SER B 128 14.02 -3.27 -13.97
N SER B 129 14.85 -2.76 -13.05
CA SER B 129 16.16 -2.24 -13.45
C SER B 129 16.99 -3.39 -14.03
N SER B 130 16.90 -4.61 -13.46
N SER B 130 16.91 -4.62 -13.46
CA SER B 130 17.64 -5.78 -13.97
CA SER B 130 17.64 -5.79 -13.95
C SER B 130 17.29 -6.07 -15.43
C SER B 130 17.29 -6.16 -15.40
N LEU B 131 15.98 -6.12 -15.75
CA LEU B 131 15.53 -6.42 -17.11
C LEU B 131 16.02 -5.33 -18.07
N VAL B 132 15.87 -4.05 -17.69
CA VAL B 132 16.30 -2.93 -18.52
C VAL B 132 17.80 -3.04 -18.81
N LYS B 133 18.61 -3.31 -17.77
CA LYS B 133 20.05 -3.46 -17.96
C LYS B 133 20.39 -4.63 -18.89
N GLU B 134 19.70 -5.79 -18.76
CA GLU B 134 19.98 -6.95 -19.61
C GLU B 134 19.65 -6.66 -21.07
N VAL B 135 18.53 -5.96 -21.31
CA VAL B 135 18.12 -5.59 -22.67
C VAL B 135 19.14 -4.63 -23.26
N ALA B 136 19.52 -3.59 -22.48
CA ALA B 136 20.48 -2.60 -22.97
C ALA B 136 21.87 -3.21 -23.26
N ARG B 137 22.33 -4.14 -22.38
CA ARG B 137 23.63 -4.84 -22.58
C ARG B 137 23.61 -5.64 -23.89
N HIS B 138 22.43 -6.18 -24.26
CA HIS B 138 22.25 -6.95 -25.50
C HIS B 138 21.78 -6.08 -26.66
N GLN B 139 22.03 -4.77 -26.57
CA GLN B 139 21.82 -3.79 -27.63
C GLN B 139 20.36 -3.59 -27.99
N GLY B 140 19.50 -3.58 -26.98
CA GLY B 140 18.07 -3.34 -27.16
C GLY B 140 17.69 -1.92 -26.80
N ASP B 141 16.58 -1.46 -27.38
CA ASP B 141 16.06 -0.11 -27.12
C ASP B 141 15.29 -0.06 -25.81
N VAL B 142 15.82 0.70 -24.83
CA VAL B 142 15.18 0.87 -23.52
C VAL B 142 14.82 2.34 -23.23
N THR B 143 14.96 3.22 -24.24
CA THR B 143 14.71 4.68 -24.07
C THR B 143 13.37 4.99 -23.38
N HIS B 144 12.31 4.29 -23.79
CA HIS B 144 10.97 4.53 -23.25
C HIS B 144 10.88 4.34 -21.72
N PHE B 145 11.77 3.51 -21.14
CA PHE B 145 11.63 3.14 -19.73
C PHE B 145 12.41 4.01 -18.76
N LEU B 146 13.22 4.92 -19.31
CA LEU B 146 14.14 5.72 -18.48
C LEU B 146 13.94 7.22 -18.62
N PRO B 147 14.27 7.97 -17.55
CA PRO B 147 14.38 9.44 -17.69
C PRO B 147 15.55 9.72 -18.68
N GLU B 148 15.50 10.84 -19.41
CA GLU B 148 16.53 11.21 -20.39
C GLU B 148 17.96 11.16 -19.82
N ASN B 149 18.18 11.70 -18.59
CA ASN B 149 19.53 11.71 -18.01
C ASN B 149 20.06 10.29 -17.80
N VAL B 150 19.16 9.37 -17.40
CA VAL B 150 19.51 7.96 -17.19
C VAL B 150 19.81 7.26 -18.52
N HIS B 151 19.03 7.56 -19.56
CA HIS B 151 19.28 7.04 -20.91
C HIS B 151 20.71 7.44 -21.37
N GLN B 152 21.09 8.72 -21.14
CA GLN B 152 22.43 9.20 -21.50
C GLN B 152 23.52 8.50 -20.69
N ALA B 153 23.31 8.36 -19.37
CA ALA B 153 24.29 7.71 -18.50
C ALA B 153 24.47 6.22 -18.82
N LEU B 154 23.38 5.54 -19.17
CA LEU B 154 23.42 4.11 -19.50
C LEU B 154 24.15 3.90 -20.81
N MET B 155 23.89 4.75 -21.81
CA MET B 155 24.63 4.66 -23.09
C MET B 155 26.15 4.83 -22.85
N ALA B 156 26.52 5.83 -22.03
CA ALA B 156 27.94 6.09 -21.72
C ALA B 156 28.58 4.89 -21.02
N LYS B 157 27.86 4.31 -20.03
CA LYS B 157 28.37 3.17 -19.26
C LYS B 157 28.61 1.96 -20.18
N LEU B 158 27.64 1.65 -21.05
CA LEU B 158 27.79 0.50 -21.94
C LEU B 158 28.77 0.69 -23.07
N ALA B 159 29.10 1.94 -23.39
CA ALA B 159 30.05 2.22 -24.46
C ALA B 159 31.48 1.77 -24.06
N VAL B 160 31.82 1.91 -22.76
CA VAL B 160 33.16 1.57 -22.25
C VAL B 160 33.23 0.18 -21.58
C1 EXJ C . -15.20 -1.33 -9.15
C2 EXJ C . -15.52 -2.65 -9.16
C3 EXJ C . -16.64 -3.11 -8.33
C13 EXJ C . -20.37 -1.60 -4.78
C14 EXJ C . -21.37 -0.80 -3.93
C15 EXJ C . -22.38 -1.65 -3.33
C16 EXJ C . -19.52 -2.53 -3.89
C17 EXJ C . -18.34 -2.06 -3.27
C18 EXJ C . -17.61 -2.94 -2.46
C19 EXJ C . -18.02 -4.27 -2.26
C20 EXJ C . -19.15 -4.75 -2.91
C21 EXJ C . -19.91 -3.88 -3.71
N4 EXJ C . -17.26 -2.13 -7.69
C5 EXJ C . -16.91 -0.83 -7.74
N6 EXJ C . -15.90 -0.43 -8.48
N7 EXJ C . -18.37 -2.18 -6.78
C8 EXJ C . -18.63 -0.98 -6.37
N9 EXJ C . -17.69 -0.13 -7.04
C10 EXJ C . -14.03 -0.81 -9.96
O11 EXJ C . -17.02 -4.29 -8.24
N12 EXJ C . -19.54 -0.63 -5.52
CL EXJ C . -16.18 -2.36 -1.67
N23 EXJ C . -23.18 -2.33 -2.84
PG ATP D . -15.34 -12.08 2.52
O1G ATP D . -16.84 -12.02 2.78
O2G ATP D . -14.98 -11.85 1.08
O3G ATP D . -14.71 -13.33 3.12
PB ATP D . -13.37 -10.27 3.69
O1B ATP D . -12.51 -10.40 2.49
O2B ATP D . -12.77 -10.81 4.98
O3B ATP D . -14.80 -10.91 3.46
PA ATP D . -14.12 -7.57 2.92
O1A ATP D . -14.34 -8.28 1.60
O2A ATP D . -15.21 -6.78 3.48
O3A ATP D . -13.83 -8.76 3.93
O5' ATP D . -12.69 -6.81 2.87
C5' ATP D . -12.51 -5.39 2.77
C4' ATP D . -11.02 -5.15 2.60
O4' ATP D . -10.31 -5.58 3.79
C3' ATP D . -10.36 -5.87 1.43
O3' ATP D . -9.30 -5.06 0.93
C2' ATP D . -9.79 -7.12 2.09
O2' ATP D . -8.69 -7.71 1.38
C1' ATP D . -9.36 -6.56 3.44
N9 ATP D . -9.28 -7.55 4.50
C8 ATP D . -10.28 -8.40 4.92
N7 ATP D . -9.92 -9.21 5.89
C5 ATP D . -8.59 -8.85 6.14
C6 ATP D . -7.64 -9.34 7.05
N6 ATP D . -7.84 -10.39 7.84
N1 ATP D . -6.44 -8.72 7.08
C2 ATP D . -6.19 -7.72 6.22
N3 ATP D . -7.02 -7.20 5.30
C4 ATP D . -8.20 -7.82 5.30
MG MG E . -13.57 -10.08 0.89
S SO4 F . 3.06 -8.52 13.20
O1 SO4 F . 3.04 -8.29 11.78
O2 SO4 F . 2.74 -9.91 13.44
O3 SO4 F . 4.37 -8.13 13.74
O4 SO4 F . 2.07 -7.77 13.96
C1 EXJ G . 15.77 -6.03 5.79
C2 EXJ G . 16.29 -6.93 4.91
C3 EXJ G . 17.46 -6.50 4.09
C13 EXJ G . 20.73 -2.41 2.92
C14 EXJ G . 21.58 -1.12 3.03
C15 EXJ G . 22.67 -1.05 2.06
C16 EXJ G . 20.01 -2.49 1.56
C17 EXJ G . 18.78 -1.84 1.35
C18 EXJ G . 18.17 -1.92 0.10
C19 EXJ G . 18.77 -2.61 -0.96
C20 EXJ G . 19.99 -3.27 -0.78
C21 EXJ G . 20.62 -3.19 0.48
N4 EXJ G . 17.87 -5.25 4.33
C5 EXJ G . 17.28 -4.40 5.20
N6 EXJ G . 16.26 -4.78 5.94
N7 EXJ G . 18.90 -4.46 3.73
C8 EXJ G . 18.94 -3.31 4.27
N9 EXJ G . 17.86 -3.28 5.22
C10 EXJ G . 14.59 -6.38 6.66
O11 EXJ G . 18.00 -7.21 3.24
N12 EXJ G . 19.75 -2.34 4.01
CL EXJ G . 16.62 -1.12 -0.08
N23 EXJ G . 23.53 -0.98 1.32
PG ATP H . 16.34 -5.06 -9.47
O1G ATP H . 15.73 -5.36 -10.81
O2G ATP H . 15.84 -6.12 -8.47
O3G ATP H . 17.83 -4.93 -9.50
PB ATP H . 14.28 -3.01 -9.00
O1B ATP H . 13.73 -2.82 -10.36
O2B ATP H . 13.38 -3.78 -8.02
O3B ATP H . 15.73 -3.67 -9.02
PA ATP H . 14.90 -1.37 -6.78
O1A ATP H . 15.26 -2.72 -6.24
O2A ATP H . 15.88 -0.30 -6.62
O3A ATP H . 14.65 -1.61 -8.33
O5' ATP H . 13.39 -0.96 -6.35
C5' ATP H . 13.13 -0.01 -5.31
C4' ATP H . 11.65 -0.05 -5.01
O4' ATP H . 10.90 0.35 -6.17
C3' ATP H . 11.07 -1.40 -4.58
O3' ATP H . 9.95 -1.07 -3.75
C2' ATP H . 10.59 -1.96 -5.93
O2' ATP H . 9.61 -3.00 -5.88
C1' ATP H . 10.06 -0.70 -6.59
N9 ATP H . 10.05 -0.73 -8.05
C8 ATP H . 11.09 -1.01 -8.90
N7 ATP H . 10.78 -0.94 -10.17
C5 ATP H . 9.43 -0.60 -10.17
C6 ATP H . 8.48 -0.44 -11.19
N6 ATP H . 8.75 -0.66 -12.50
N1 ATP H . 7.22 -0.12 -10.84
C2 ATP H . 6.93 -0.01 -9.54
N3 ATP H . 7.73 -0.15 -8.47
C4 ATP H . 8.97 -0.46 -8.86
MG MG I . 14.74 -4.54 -6.85
S SO4 J . -2.57 3.31 -15.26
O1 SO4 J . -2.22 2.55 -16.45
O2 SO4 J . -3.91 3.88 -15.31
O3 SO4 J . -2.45 2.46 -14.11
O4 SO4 J . -1.64 4.47 -15.28
#